data_4AVJ
#
_entry.id   4AVJ
#
_cell.length_a   91.120
_cell.length_b   91.120
_cell.length_c   80.130
_cell.angle_alpha   90.00
_cell.angle_beta   90.00
_cell.angle_gamma   120.00
#
_symmetry.space_group_name_H-M   'P 31 2 1'
#
loop_
_entity.id
_entity.type
_entity.pdbx_description
1 polymer FIMH
2 non-polymer 'SULFATE ION'
3 non-polymer 'METHANOL TRIAZOL ETHYL PHENYL 1O-ALPHA-D-MANNOPYRANOSIDE'
4 non-polymer 'NICKEL (II) ION'
5 water water
#
_entity_poly.entity_id   1
_entity_poly.type   'polypeptide(L)'
_entity_poly.pdbx_seq_one_letter_code
;FACKTANGTAIPIGGGSANVYVNLAPVVNVGQNLVVDLSTQIFCHNDYPETITDYVTLQRGSAYGGVLSNFSGTVKYSGS
SYPFPTTSETPRVVYNSRTDKPWPVALYLTPVSSAGGVAIKAGSLIAVLILRQTNNYNSDDFQFVWNIYANNDVVVPT
;
_entity_poly.pdbx_strand_id   A,B
#
# COMPACT_ATOMS: atom_id res chain seq x y z
N PHE A 1 27.02 -2.40 7.04
CA PHE A 1 25.71 -2.68 6.42
C PHE A 1 25.91 -2.85 4.96
N ALA A 2 25.44 -3.97 4.42
CA ALA A 2 25.48 -4.19 2.99
C ALA A 2 24.33 -5.11 2.58
N CYS A 3 24.11 -5.23 1.29
CA CYS A 3 22.99 -5.98 0.76
CA CYS A 3 22.98 -5.97 0.74
C CYS A 3 23.41 -6.87 -0.39
N LYS A 4 22.60 -7.89 -0.64
CA LYS A 4 22.83 -8.78 -1.76
C LYS A 4 21.49 -9.29 -2.26
N THR A 5 21.49 -9.88 -3.45
CA THR A 5 20.31 -10.48 -4.01
C THR A 5 20.50 -11.99 -4.06
N ALA A 6 19.40 -12.74 -4.09
CA ALA A 6 19.47 -14.19 -4.14
C ALA A 6 20.06 -14.70 -5.46
N ASN A 7 20.96 -15.67 -5.39
CA ASN A 7 21.78 -16.06 -6.57
C ASN A 7 22.16 -14.91 -7.56
N GLY A 8 22.66 -13.83 -7.01
CA GLY A 8 22.65 -12.57 -7.75
C GLY A 8 23.95 -11.86 -7.46
N THR A 9 23.84 -10.61 -7.03
CA THR A 9 24.97 -9.73 -6.94
C THR A 9 24.95 -9.10 -5.52
N ALA A 10 25.85 -8.17 -5.27
CA ALA A 10 25.93 -7.54 -3.97
C ALA A 10 26.15 -6.07 -4.17
N ILE A 11 25.69 -5.28 -3.21
CA ILE A 11 26.08 -3.88 -3.07
C ILE A 11 26.81 -3.76 -1.76
N PRO A 12 28.06 -3.30 -1.77
CA PRO A 12 28.92 -3.35 -0.60
C PRO A 12 28.72 -2.19 0.34
N ILE A 13 29.39 -2.23 1.49
CA ILE A 13 29.39 -1.13 2.46
C ILE A 13 29.55 0.20 1.77
N GLY A 14 28.75 1.19 2.13
CA GLY A 14 28.92 2.50 1.53
C GLY A 14 27.97 2.79 0.37
N GLY A 15 27.24 1.75 -0.02
CA GLY A 15 26.18 1.90 -1.01
C GLY A 15 26.63 1.73 -2.46
N GLY A 16 25.72 2.01 -3.37
CA GLY A 16 25.96 1.72 -4.79
C GLY A 16 24.65 1.31 -5.45
N SER A 17 24.73 0.51 -6.51
CA SER A 17 23.55 0.19 -7.33
C SER A 17 23.63 -1.22 -7.86
N ALA A 18 22.48 -1.82 -8.12
CA ALA A 18 22.47 -3.14 -8.69
C ALA A 18 21.22 -3.36 -9.53
N ASN A 19 21.29 -4.32 -10.44
CA ASN A 19 20.14 -4.72 -11.28
C ASN A 19 19.49 -6.00 -10.79
N VAL A 20 18.16 -5.99 -10.70
CA VAL A 20 17.33 -7.10 -10.28
C VAL A 20 16.25 -7.46 -11.30
N TYR A 21 16.14 -8.71 -11.70
CA TYR A 21 15.14 -9.27 -12.62
C TYR A 21 14.05 -10.01 -11.84
N VAL A 22 12.82 -9.71 -12.19
CA VAL A 22 11.69 -10.29 -11.53
C VAL A 22 10.76 -11.02 -12.53
N ASN A 23 10.20 -12.14 -12.09
CA ASN A 23 9.19 -12.85 -12.85
C ASN A 23 7.84 -12.24 -12.61
N LEU A 24 7.09 -12.02 -13.68
CA LEU A 24 5.83 -11.33 -13.56
C LEU A 24 4.77 -12.24 -14.12
N ALA A 25 3.57 -12.26 -13.56
CA ALA A 25 2.46 -13.03 -14.16
C ALA A 25 2.33 -12.63 -15.65
N PRO A 26 2.25 -13.60 -16.57
CA PRO A 26 2.24 -13.29 -18.02
C PRO A 26 0.93 -12.68 -18.52
N VAL A 27 -0.15 -12.78 -17.73
CA VAL A 27 -1.44 -12.23 -18.15
C VAL A 27 -2.09 -11.58 -16.94
N VAL A 28 -2.53 -10.33 -17.08
CA VAL A 28 -3.17 -9.64 -15.97
C VAL A 28 -4.31 -8.75 -16.52
N ASN A 29 -5.50 -8.93 -16.00
CA ASN A 29 -6.64 -8.14 -16.40
C ASN A 29 -6.82 -6.85 -15.63
N VAL A 30 -7.58 -5.93 -16.22
CA VAL A 30 -8.03 -4.77 -15.47
C VAL A 30 -8.71 -5.26 -14.19
N GLY A 31 -8.38 -4.63 -13.08
CA GLY A 31 -8.96 -4.99 -11.81
C GLY A 31 -8.17 -6.03 -11.03
N GLN A 32 -7.14 -6.60 -11.66
CA GLN A 32 -6.25 -7.54 -11.00
C GLN A 32 -4.88 -6.88 -10.68
N ASN A 33 -4.15 -7.45 -9.74
CA ASN A 33 -2.83 -6.97 -9.34
C ASN A 33 -1.69 -7.85 -9.81
N LEU A 34 -0.61 -7.26 -10.30
CA LEU A 34 0.65 -7.96 -10.40
C LEU A 34 1.30 -7.70 -9.06
N VAL A 35 1.75 -8.74 -8.40
CA VAL A 35 2.42 -8.58 -7.12
C VAL A 35 3.90 -8.86 -7.36
N VAL A 36 4.74 -7.89 -7.05
CA VAL A 36 6.16 -8.06 -7.22
C VAL A 36 6.82 -8.01 -5.87
N ASP A 37 7.10 -9.16 -5.29
CA ASP A 37 7.62 -9.19 -3.93
C ASP A 37 9.14 -9.27 -3.93
N LEU A 38 9.81 -8.17 -3.59
CA LEU A 38 11.26 -8.12 -3.55
C LEU A 38 11.85 -8.73 -2.30
N SER A 39 11.06 -8.96 -1.27
CA SER A 39 11.58 -9.51 -0.02
C SER A 39 12.15 -10.93 -0.16
N THR A 40 11.83 -11.63 -1.25
CA THR A 40 12.48 -12.90 -1.52
C THR A 40 13.77 -12.76 -2.35
N GLN A 41 14.10 -11.54 -2.79
CA GLN A 41 15.27 -11.30 -3.62
C GLN A 41 16.34 -10.44 -2.96
N ILE A 42 15.96 -9.49 -2.13
CA ILE A 42 16.91 -8.54 -1.64
C ILE A 42 17.02 -8.73 -0.15
N PHE A 43 18.27 -8.89 0.32
CA PHE A 43 18.58 -9.21 1.72
C PHE A 43 19.71 -8.31 2.20
N CYS A 44 19.65 -7.88 3.46
CA CYS A 44 20.68 -7.02 4.00
CA CYS A 44 20.62 -6.95 4.03
C CYS A 44 21.05 -7.43 5.43
N HIS A 45 22.18 -6.92 5.90
CA HIS A 45 22.62 -7.28 7.25
C HIS A 45 23.39 -6.13 7.90
N ASN A 46 23.47 -6.17 9.22
CA ASN A 46 24.19 -5.20 10.01
C ASN A 46 25.58 -5.79 10.31
N ASP A 47 26.66 -5.04 10.07
CA ASP A 47 28.01 -5.57 10.24
C ASP A 47 28.59 -5.51 11.68
N TYR A 48 27.93 -4.78 12.57
CA TYR A 48 28.37 -4.65 13.99
C TYR A 48 27.22 -4.38 14.91
N PRO A 49 26.33 -5.35 15.01
CA PRO A 49 25.06 -5.18 15.71
C PRO A 49 25.24 -5.00 17.22
N GLU A 50 26.35 -5.46 17.76
CA GLU A 50 26.63 -5.33 19.19
C GLU A 50 26.81 -3.87 19.66
N THR A 51 27.15 -2.97 18.76
CA THR A 51 27.29 -1.58 19.14
C THR A 51 26.50 -0.63 18.25
N ILE A 52 26.15 -1.08 17.05
CA ILE A 52 25.53 -0.22 16.08
C ILE A 52 24.15 -0.69 15.68
N THR A 53 23.23 0.26 15.58
CA THR A 53 21.91 -0.03 15.03
C THR A 53 21.77 0.66 13.65
N ASP A 54 21.42 -0.13 12.63
CA ASP A 54 21.20 0.40 11.29
C ASP A 54 19.71 0.66 11.05
N TYR A 55 19.44 1.81 10.46
CA TYR A 55 18.10 2.24 10.09
C TYR A 55 17.96 2.29 8.56
N VAL A 56 16.93 1.66 8.03
CA VAL A 56 16.76 1.47 6.64
C VAL A 56 15.35 1.91 6.17
N THR A 57 15.27 2.87 5.26
CA THR A 57 13.98 3.25 4.67
C THR A 57 13.90 2.98 3.21
N LEU A 58 12.68 2.92 2.69
CA LEU A 58 12.44 3.12 1.25
C LEU A 58 12.37 4.64 0.96
N GLN A 59 13.45 5.17 0.43
CA GLN A 59 13.56 6.62 0.23
C GLN A 59 12.65 7.09 -0.89
N ARG A 60 12.52 6.23 -1.89
CA ARG A 60 11.81 6.55 -3.10
C ARG A 60 11.58 5.33 -3.96
N GLY A 61 10.42 5.28 -4.58
CA GLY A 61 10.10 4.26 -5.56
C GLY A 61 9.59 4.98 -6.76
N SER A 62 10.13 4.61 -7.92
CA SER A 62 9.77 5.22 -9.20
C SER A 62 9.44 4.16 -10.22
N ALA A 63 8.54 4.53 -11.15
CA ALA A 63 8.05 3.63 -12.19
C ALA A 63 8.68 4.02 -13.52
N TYR A 64 8.93 3.03 -14.38
CA TYR A 64 9.50 3.25 -15.71
C TYR A 64 8.81 2.41 -16.78
N GLY A 65 9.02 2.75 -18.05
CA GLY A 65 8.56 1.94 -19.17
C GLY A 65 7.09 1.58 -19.11
N GLY A 66 6.78 0.31 -19.30
CA GLY A 66 5.39 -0.14 -19.37
C GLY A 66 4.64 0.03 -18.06
N VAL A 67 5.34 -0.03 -16.93
CA VAL A 67 4.68 0.15 -15.64
C VAL A 67 4.24 1.62 -15.44
N LEU A 68 5.13 2.55 -15.74
CA LEU A 68 4.81 3.98 -15.69
C LEU A 68 3.63 4.34 -16.61
N SER A 69 3.57 3.76 -17.79
CA SER A 69 2.53 4.14 -18.77
C SER A 69 1.23 3.33 -18.65
N ASN A 70 1.31 2.08 -18.17
CA ASN A 70 0.16 1.18 -18.22
C ASN A 70 -0.39 0.67 -16.90
N PHE A 71 0.22 1.07 -15.79
CA PHE A 71 -0.21 0.61 -14.47
C PHE A 71 -0.27 1.75 -13.47
N SER A 72 -1.05 1.54 -12.43
CA SER A 72 -0.98 2.37 -11.26
C SER A 72 -0.70 1.40 -10.14
N GLY A 73 -0.13 1.85 -9.03
CA GLY A 73 0.25 0.88 -8.03
C GLY A 73 0.42 1.44 -6.65
N THR A 74 0.75 0.52 -5.76
CA THR A 74 1.00 0.84 -4.38
CA THR A 74 1.00 0.83 -4.38
C THR A 74 2.23 0.02 -3.98
N VAL A 75 2.93 0.46 -2.96
CA VAL A 75 4.06 -0.29 -2.45
C VAL A 75 3.78 -0.58 -1.01
N LYS A 76 4.02 -1.81 -0.61
CA LYS A 76 3.94 -2.20 0.78
C LYS A 76 5.37 -2.33 1.33
N TYR A 77 5.68 -1.52 2.34
CA TYR A 77 6.99 -1.52 3.01
C TYR A 77 6.83 -1.82 4.49
N SER A 78 7.36 -2.96 4.91
CA SER A 78 7.28 -3.37 6.30
C SER A 78 5.87 -3.21 6.93
N GLY A 79 4.86 -3.78 6.30
CA GLY A 79 3.53 -3.79 6.86
C GLY A 79 2.59 -2.63 6.52
N SER A 80 3.13 -1.50 6.06
CA SER A 80 2.34 -0.36 5.63
C SER A 80 2.34 -0.14 4.11
N SER A 81 1.24 0.45 3.63
CA SER A 81 1.02 0.67 2.22
C SER A 81 1.09 2.11 1.82
N TYR A 82 1.61 2.35 0.62
CA TYR A 82 1.83 3.71 0.11
C TYR A 82 1.58 3.79 -1.38
N PRO A 83 1.33 4.98 -1.90
CA PRO A 83 1.23 5.14 -3.35
C PRO A 83 2.53 4.74 -4.02
N PHE A 84 2.47 4.15 -5.22
CA PHE A 84 3.66 3.92 -6.02
C PHE A 84 3.39 4.42 -7.39
N PRO A 85 4.22 5.31 -7.91
CA PRO A 85 5.43 5.94 -7.37
C PRO A 85 5.16 6.65 -6.06
N THR A 86 6.20 6.73 -5.27
CA THR A 86 6.07 7.15 -3.88
C THR A 86 5.98 8.67 -3.79
N THR A 87 5.47 9.17 -2.69
CA THR A 87 5.35 10.62 -2.50
C THR A 87 6.20 11.10 -1.32
N SER A 88 6.84 10.17 -0.61
CA SER A 88 7.81 10.59 0.44
C SER A 88 8.55 9.39 0.96
N GLU A 89 9.64 9.63 1.67
CA GLU A 89 10.41 8.58 2.33
C GLU A 89 9.59 7.93 3.41
N THR A 90 9.64 6.59 3.52
CA THR A 90 8.90 5.85 4.55
C THR A 90 9.50 5.97 5.95
N PRO A 91 8.77 5.47 6.95
CA PRO A 91 9.46 5.25 8.23
C PRO A 91 10.56 4.16 8.07
N ARG A 92 11.41 4.06 9.07
CA ARG A 92 12.61 3.21 9.08
C ARG A 92 12.32 1.83 9.62
N VAL A 93 13.07 0.86 9.09
CA VAL A 93 13.11 -0.50 9.58
C VAL A 93 14.48 -0.67 10.21
N VAL A 94 14.50 -1.31 11.38
CA VAL A 94 15.75 -1.55 12.10
C VAL A 94 16.47 -2.84 11.65
N TYR A 95 17.77 -2.77 11.41
CA TYR A 95 18.58 -3.95 11.13
C TYR A 95 19.55 -4.04 12.30
N ASN A 96 19.49 -5.15 13.03
CA ASN A 96 20.28 -5.31 14.23
C ASN A 96 20.86 -6.70 14.35
N SER A 97 21.20 -7.32 13.22
CA SER A 97 21.80 -8.65 13.21
C SER A 97 22.74 -8.85 12.01
N ARG A 98 23.76 -9.70 12.16
CA ARG A 98 24.64 -10.03 11.02
C ARG A 98 24.02 -11.07 10.07
N THR A 99 22.92 -11.68 10.51
CA THR A 99 22.16 -12.63 9.72
C THR A 99 21.32 -11.86 8.69
N ASP A 100 21.42 -12.26 7.44
CA ASP A 100 20.61 -11.70 6.35
C ASP A 100 19.16 -11.65 6.68
N LYS A 101 18.56 -10.47 6.47
CA LYS A 101 17.14 -10.31 6.66
C LYS A 101 16.57 -9.65 5.38
N PRO A 102 15.36 -10.06 4.94
CA PRO A 102 14.79 -9.48 3.73
C PRO A 102 14.60 -7.96 3.81
N TRP A 103 14.75 -7.27 2.70
CA TRP A 103 14.26 -5.91 2.65
C TRP A 103 12.77 -6.03 2.32
N PRO A 104 11.89 -5.62 3.25
CA PRO A 104 10.47 -5.97 3.13
C PRO A 104 9.62 -5.06 2.22
N VAL A 105 9.89 -5.10 0.93
CA VAL A 105 9.24 -4.27 -0.10
C VAL A 105 8.52 -5.16 -1.10
N ALA A 106 7.30 -4.76 -1.43
CA ALA A 106 6.47 -5.42 -2.46
C ALA A 106 5.64 -4.39 -3.23
N LEU A 107 5.60 -4.51 -4.56
CA LEU A 107 4.78 -3.64 -5.41
C LEU A 107 3.49 -4.34 -5.78
N TYR A 108 2.40 -3.60 -5.76
CA TYR A 108 1.09 -4.09 -6.23
C TYR A 108 0.64 -3.24 -7.42
N LEU A 109 0.68 -3.80 -8.62
CA LEU A 109 0.47 -3.01 -9.82
C LEU A 109 -0.80 -3.48 -10.53
N THR A 110 -1.63 -2.55 -10.95
CA THR A 110 -2.89 -2.87 -11.59
C THR A 110 -3.01 -2.10 -12.93
N PRO A 111 -3.42 -2.77 -14.01
CA PRO A 111 -3.52 -2.10 -15.31
C PRO A 111 -4.54 -0.98 -15.32
N VAL A 112 -4.23 0.17 -15.90
CA VAL A 112 -5.15 1.29 -16.21
C VAL A 112 -5.99 0.87 -17.42
N SER A 113 -7.11 1.55 -17.67
CA SER A 113 -8.10 1.10 -18.68
C SER A 113 -7.53 1.11 -20.12
N SER A 114 -6.49 1.92 -20.36
CA SER A 114 -5.92 1.94 -21.71
C SER A 114 -4.86 0.87 -21.96
N ALA A 115 -4.46 0.11 -20.94
CA ALA A 115 -3.48 -0.94 -21.21
C ALA A 115 -4.10 -2.01 -22.08
N GLY A 116 -3.38 -2.49 -23.08
CA GLY A 116 -3.86 -3.60 -23.90
C GLY A 116 -2.69 -4.17 -24.64
N GLY A 117 -2.74 -5.46 -24.97
CA GLY A 117 -1.59 -6.08 -25.64
C GLY A 117 -0.47 -6.18 -24.64
N VAL A 118 0.76 -6.06 -25.14
CA VAL A 118 1.96 -6.18 -24.32
C VAL A 118 2.13 -4.88 -23.53
N ALA A 119 1.85 -4.94 -22.23
CA ALA A 119 1.86 -3.78 -21.36
C ALA A 119 3.25 -3.61 -20.70
N ILE A 120 3.98 -4.71 -20.53
CA ILE A 120 5.37 -4.65 -20.06
C ILE A 120 6.22 -5.55 -20.96
N LYS A 121 7.31 -5.02 -21.48
CA LYS A 121 8.17 -5.80 -22.35
C LYS A 121 9.25 -6.56 -21.58
N ALA A 122 9.48 -7.80 -22.00
CA ALA A 122 10.53 -8.61 -21.39
C ALA A 122 11.85 -7.88 -21.46
N GLY A 123 12.62 -7.93 -20.36
CA GLY A 123 13.92 -7.31 -20.34
C GLY A 123 13.90 -5.82 -20.04
N SER A 124 12.73 -5.18 -20.02
CA SER A 124 12.68 -3.72 -19.83
C SER A 124 12.79 -3.25 -18.36
N LEU A 125 13.30 -2.05 -18.17
CA LEU A 125 13.29 -1.46 -16.85
C LEU A 125 11.85 -1.09 -16.48
N ILE A 126 11.38 -1.54 -15.31
CA ILE A 126 10.04 -1.25 -14.82
C ILE A 126 9.96 -0.37 -13.56
N ALA A 127 11.00 -0.34 -12.75
CA ALA A 127 11.01 0.42 -11.53
C ALA A 127 12.42 0.68 -11.00
N VAL A 128 12.55 1.70 -10.17
CA VAL A 128 13.75 1.90 -9.33
C VAL A 128 13.34 2.07 -7.88
N LEU A 129 13.96 1.32 -6.98
CA LEU A 129 13.67 1.39 -5.56
C LEU A 129 15.00 1.77 -4.89
N ILE A 130 14.96 2.87 -4.13
CA ILE A 130 16.15 3.39 -3.45
C ILE A 130 16.06 3.13 -1.95
N LEU A 131 16.98 2.32 -1.47
CA LEU A 131 17.11 1.99 -0.06
C LEU A 131 18.06 3.01 0.57
N ARG A 132 17.62 3.68 1.63
CA ARG A 132 18.49 4.64 2.30
C ARG A 132 18.84 4.13 3.68
N GLN A 133 20.14 4.13 3.96
CA GLN A 133 20.65 3.53 5.20
C GLN A 133 21.42 4.51 6.03
N THR A 134 21.04 4.60 7.28
CA THR A 134 21.77 5.37 8.28
C THR A 134 21.96 4.52 9.52
N ASN A 135 22.52 5.12 10.58
CA ASN A 135 22.75 4.39 11.83
C ASN A 135 22.74 5.29 13.08
N ASN A 136 22.97 4.71 14.24
CA ASN A 136 23.06 5.47 15.49
C ASN A 136 24.50 5.57 15.98
N TYR A 137 25.44 5.75 15.07
CA TYR A 137 26.85 5.64 15.42
C TYR A 137 27.71 6.76 14.84
N ASN A 138 27.49 7.10 13.57
CA ASN A 138 28.29 8.14 12.94
C ASN A 138 27.47 8.85 11.87
N SER A 139 28.12 9.58 10.98
CA SER A 139 27.36 10.32 10.00
C SER A 139 27.00 9.56 8.71
N ASP A 140 27.26 8.26 8.64
CA ASP A 140 26.94 7.51 7.42
C ASP A 140 25.49 7.70 6.93
N ASP A 141 25.34 8.03 5.65
CA ASP A 141 24.02 8.17 5.06
C ASP A 141 24.17 7.69 3.61
N PHE A 142 23.79 6.44 3.35
CA PHE A 142 24.12 5.77 2.09
C PHE A 142 22.88 5.31 1.34
N GLN A 143 22.97 5.33 0.02
CA GLN A 143 21.91 4.87 -0.83
C GLN A 143 22.30 3.57 -1.53
N PHE A 144 21.35 2.63 -1.54
CA PHE A 144 21.47 1.38 -2.25
C PHE A 144 20.34 1.38 -3.30
N VAL A 145 20.72 1.48 -4.56
CA VAL A 145 19.82 1.75 -5.66
C VAL A 145 19.56 0.46 -6.47
N TRP A 146 18.30 0.01 -6.43
CA TRP A 146 17.91 -1.22 -7.06
C TRP A 146 17.09 -0.93 -8.29
N ASN A 147 17.63 -1.35 -9.44
CA ASN A 147 16.97 -1.19 -10.70
C ASN A 147 16.25 -2.46 -10.99
N ILE A 148 14.94 -2.38 -11.17
CA ILE A 148 14.12 -3.57 -11.29
C ILE A 148 13.74 -3.78 -12.76
N TYR A 149 14.07 -4.96 -13.29
CA TYR A 149 13.81 -5.34 -14.69
C TYR A 149 12.82 -6.48 -14.80
N ALA A 150 11.95 -6.43 -15.83
CA ALA A 150 11.04 -7.53 -16.15
C ALA A 150 11.74 -8.70 -16.80
N ASN A 151 11.48 -9.88 -16.28
CA ASN A 151 12.02 -11.05 -16.95
C ASN A 151 11.28 -11.45 -18.24
N ASN A 152 9.98 -11.14 -18.31
CA ASN A 152 9.09 -11.60 -19.38
C ASN A 152 8.05 -10.57 -19.74
N ASP A 153 7.46 -10.72 -20.92
CA ASP A 153 6.31 -9.94 -21.34
C ASP A 153 5.12 -10.11 -20.38
N VAL A 154 4.36 -9.03 -20.19
CA VAL A 154 3.08 -9.10 -19.47
C VAL A 154 2.01 -8.57 -20.42
N VAL A 155 0.96 -9.37 -20.65
CA VAL A 155 -0.13 -9.00 -21.55
C VAL A 155 -1.41 -8.65 -20.78
N VAL A 156 -2.01 -7.54 -21.15
CA VAL A 156 -3.32 -7.16 -20.62
C VAL A 156 -4.36 -7.50 -21.70
N PRO A 157 -5.18 -8.55 -21.47
CA PRO A 157 -6.06 -8.96 -22.57
C PRO A 157 -7.00 -7.85 -22.93
N THR A 158 -7.41 -7.83 -24.19
CA THR A 158 -8.33 -6.85 -24.70
C THR A 158 -9.59 -7.62 -25.09
N PHE B 1 -7.82 19.00 -4.17
CA PHE B 1 -8.50 17.90 -3.45
C PHE B 1 -7.55 17.33 -2.40
N ALA B 2 -8.03 17.26 -1.16
CA ALA B 2 -7.27 16.65 -0.06
C ALA B 2 -8.22 16.08 1.00
N CYS B 3 -7.63 15.32 1.93
CA CYS B 3 -8.41 14.60 2.94
CA CYS B 3 -8.39 14.55 2.92
C CYS B 3 -7.81 14.76 4.33
N LYS B 4 -8.63 14.44 5.33
CA LYS B 4 -8.21 14.50 6.72
C LYS B 4 -8.92 13.40 7.47
N THR B 5 -8.43 13.07 8.67
CA THR B 5 -9.04 12.09 9.56
C THR B 5 -9.54 12.77 10.84
N ALA B 6 -10.50 12.17 11.53
CA ALA B 6 -11.07 12.71 12.77
C ALA B 6 -10.02 12.72 13.92
N ASN B 7 -9.95 13.83 14.69
CA ASN B 7 -8.84 14.17 15.65
C ASN B 7 -7.45 13.66 15.19
N GLY B 8 -7.13 13.98 13.93
CA GLY B 8 -6.12 13.25 13.26
C GLY B 8 -5.18 14.01 12.36
N THR B 9 -5.11 13.51 11.15
CA THR B 9 -4.06 13.91 10.22
C THR B 9 -4.67 14.34 8.91
N ALA B 10 -3.81 14.58 7.91
CA ALA B 10 -4.30 14.99 6.60
C ALA B 10 -3.48 14.25 5.53
N ILE B 11 -4.06 13.98 4.37
CA ILE B 11 -3.24 13.61 3.24
C ILE B 11 -3.47 14.74 2.27
N PRO B 12 -2.40 15.42 1.90
CA PRO B 12 -2.51 16.67 1.15
C PRO B 12 -2.68 16.47 -0.33
N ILE B 13 -2.91 17.58 -1.03
CA ILE B 13 -3.03 17.58 -2.48
C ILE B 13 -1.94 16.70 -3.03
N GLY B 14 -2.29 15.83 -3.96
CA GLY B 14 -1.30 14.97 -4.60
C GLY B 14 -1.26 13.58 -4.00
N GLY B 15 -2.00 13.35 -2.91
CA GLY B 15 -2.09 11.98 -2.42
C GLY B 15 -0.99 11.62 -1.45
N GLY B 16 -0.89 10.34 -1.08
CA GLY B 16 0.00 9.93 -0.03
C GLY B 16 -0.61 8.79 0.74
N SER B 17 -0.23 8.72 2.01
CA SER B 17 -0.59 7.62 2.87
C SER B 17 -0.85 8.11 4.31
N ALA B 18 -1.72 7.43 5.04
CA ALA B 18 -1.98 7.78 6.45
C ALA B 18 -2.48 6.57 7.23
N ASN B 19 -2.32 6.61 8.54
CA ASN B 19 -2.85 5.56 9.41
C ASN B 19 -4.14 6.04 10.07
N VAL B 20 -5.15 5.18 10.13
CA VAL B 20 -6.43 5.54 10.76
C VAL B 20 -6.63 4.53 11.88
N TYR B 21 -6.85 5.03 13.10
CA TYR B 21 -7.02 4.13 14.23
C TYR B 21 -8.50 4.10 14.59
N VAL B 22 -9.13 2.94 14.67
CA VAL B 22 -10.57 2.86 14.95
C VAL B 22 -10.87 2.02 16.15
N ASN B 23 -11.85 2.45 16.91
CA ASN B 23 -12.39 1.71 18.03
C ASN B 23 -13.42 0.75 17.51
N LEU B 24 -13.35 -0.50 17.94
CA LEU B 24 -14.20 -1.57 17.41
C LEU B 24 -15.01 -2.18 18.55
N ALA B 25 -16.22 -2.65 18.25
CA ALA B 25 -16.97 -3.35 19.28
C ALA B 25 -16.07 -4.41 19.91
N PRO B 26 -16.01 -4.44 21.25
CA PRO B 26 -15.07 -5.36 21.91
C PRO B 26 -15.48 -6.82 21.83
N VAL B 27 -16.74 -7.04 21.52
CA VAL B 27 -17.30 -8.38 21.43
C VAL B 27 -18.25 -8.55 20.27
N VAL B 28 -18.05 -9.60 19.48
CA VAL B 28 -18.91 -9.90 18.33
C VAL B 28 -19.12 -11.39 18.30
N ASN B 29 -20.38 -11.82 18.34
CA ASN B 29 -20.71 -13.24 18.29
C ASN B 29 -20.79 -13.76 16.86
N VAL B 30 -20.62 -15.07 16.70
CA VAL B 30 -20.90 -15.69 15.41
C VAL B 30 -22.31 -15.28 15.07
N GLY B 31 -22.54 -14.86 13.83
CA GLY B 31 -23.88 -14.45 13.42
C GLY B 31 -24.19 -12.96 13.61
N GLN B 32 -23.30 -12.21 14.25
CA GLN B 32 -23.46 -10.77 14.40
C GLN B 32 -22.48 -10.05 13.49
N ASN B 33 -22.72 -8.77 13.22
CA ASN B 33 -21.81 -8.00 12.37
C ASN B 33 -20.98 -7.04 13.17
N LEU B 34 -19.70 -6.99 12.86
CA LEU B 34 -18.83 -5.90 13.23
C LEU B 34 -18.88 -4.89 12.11
N VAL B 35 -19.17 -3.64 12.46
CA VAL B 35 -19.22 -2.58 11.47
C VAL B 35 -18.07 -1.62 11.64
N VAL B 36 -17.31 -1.42 10.56
CA VAL B 36 -16.19 -0.49 10.61
C VAL B 36 -16.54 0.65 9.67
N ASP B 37 -17.06 1.72 10.25
CA ASP B 37 -17.58 2.84 9.45
C ASP B 37 -16.54 3.93 9.32
N LEU B 38 -15.95 4.01 8.14
CA LEU B 38 -14.92 4.99 7.89
C LEU B 38 -15.53 6.38 7.58
N SER B 39 -16.83 6.45 7.26
CA SER B 39 -17.44 7.74 6.95
C SER B 39 -17.42 8.71 8.13
N THR B 40 -17.23 8.22 9.34
CA THR B 40 -17.01 9.11 10.48
C THR B 40 -15.53 9.39 10.73
N GLN B 41 -14.65 8.77 9.97
CA GLN B 41 -13.23 8.89 10.25
C GLN B 41 -12.50 9.66 9.15
N ILE B 42 -12.94 9.50 7.89
CA ILE B 42 -12.22 10.05 6.74
C ILE B 42 -13.09 11.07 5.99
N PHE B 43 -12.57 12.26 5.73
CA PHE B 43 -13.34 13.36 5.12
C PHE B 43 -12.50 13.98 4.01
N CYS B 44 -13.12 14.38 2.91
CA CYS B 44 -12.38 15.01 1.83
CA CYS B 44 -12.42 14.98 1.77
C CYS B 44 -13.09 16.25 1.34
N HIS B 45 -12.39 17.07 0.56
CA HIS B 45 -13.01 18.25 -0.02
C HIS B 45 -12.36 18.57 -1.39
N ASN B 46 -13.08 19.35 -2.18
CA ASN B 46 -12.65 19.82 -3.50
C ASN B 46 -12.07 21.22 -3.36
N ASP B 47 -10.88 21.49 -3.91
CA ASP B 47 -10.27 22.82 -3.69
C ASP B 47 -10.67 23.97 -4.61
N TYR B 48 -11.34 23.66 -5.72
CA TYR B 48 -11.75 24.72 -6.66
C TYR B 48 -13.01 24.27 -7.38
N PRO B 49 -14.10 24.08 -6.62
CA PRO B 49 -15.33 23.47 -7.09
C PRO B 49 -16.10 24.33 -8.07
N GLU B 50 -15.86 25.64 -8.05
CA GLU B 50 -16.57 26.52 -8.97
C GLU B 50 -16.21 26.22 -10.43
N THR B 51 -15.06 25.58 -10.66
CA THR B 51 -14.66 25.19 -12.01
C THR B 51 -14.24 23.71 -12.18
N ILE B 52 -13.93 23.02 -11.07
CA ILE B 52 -13.39 21.65 -11.18
C ILE B 52 -14.32 20.66 -10.51
N THR B 53 -14.50 19.53 -11.18
CA THR B 53 -15.22 18.40 -10.55
C THR B 53 -14.25 17.26 -10.20
N ASP B 54 -14.24 16.85 -8.94
CA ASP B 54 -13.40 15.74 -8.50
C ASP B 54 -14.16 14.41 -8.47
N TYR B 55 -13.53 13.37 -9.01
CA TYR B 55 -14.11 12.03 -9.00
C TYR B 55 -13.28 11.10 -8.08
N VAL B 56 -13.97 10.42 -7.16
CA VAL B 56 -13.32 9.64 -6.14
C VAL B 56 -13.88 8.23 -6.06
N THR B 57 -13.02 7.22 -6.25
CA THR B 57 -13.41 5.82 -6.10
C THR B 57 -12.66 5.13 -4.97
N LEU B 58 -13.26 4.04 -4.49
CA LEU B 58 -12.55 3.02 -3.76
C LEU B 58 -11.92 2.12 -4.80
N GLN B 59 -10.64 2.34 -5.03
CA GLN B 59 -9.99 1.61 -6.08
C GLN B 59 -9.80 0.17 -5.64
N ARG B 60 -9.57 -0.05 -4.35
CA ARG B 60 -9.29 -1.40 -3.81
C ARG B 60 -9.34 -1.33 -2.28
N GLY B 61 -9.89 -2.39 -1.71
CA GLY B 61 -9.91 -2.62 -0.28
C GLY B 61 -9.41 -4.03 -0.04
N SER B 62 -8.46 -4.16 0.86
CA SER B 62 -7.88 -5.45 1.17
C SER B 62 -7.86 -5.66 2.69
N ALA B 63 -7.90 -6.91 3.12
CA ALA B 63 -7.96 -7.27 4.54
C ALA B 63 -6.63 -7.75 5.08
N TYR B 64 -6.36 -7.48 6.35
CA TYR B 64 -5.11 -7.95 6.96
C TYR B 64 -5.35 -8.56 8.33
N GLY B 65 -4.36 -9.28 8.82
CA GLY B 65 -4.40 -9.78 10.18
C GLY B 65 -5.65 -10.56 10.52
N GLY B 66 -6.28 -10.25 11.65
CA GLY B 66 -7.41 -10.97 12.14
C GLY B 66 -8.61 -10.82 11.27
N VAL B 67 -8.72 -9.71 10.58
CA VAL B 67 -9.87 -9.56 9.70
C VAL B 67 -9.73 -10.52 8.53
N LEU B 68 -8.53 -10.56 7.93
CA LEU B 68 -8.29 -11.51 6.85
C LEU B 68 -8.55 -12.98 7.25
N SER B 69 -8.15 -13.36 8.45
CA SER B 69 -8.25 -14.78 8.83
C SER B 69 -9.54 -15.20 9.49
N ASN B 70 -10.19 -14.28 10.21
CA ASN B 70 -11.30 -14.66 11.07
C ASN B 70 -12.64 -14.06 10.72
N PHE B 71 -12.73 -13.24 9.66
CA PHE B 71 -13.99 -12.62 9.26
C PHE B 71 -14.20 -12.72 7.77
N SER B 72 -15.45 -12.65 7.37
CA SER B 72 -15.84 -12.45 6.00
C SER B 72 -16.74 -11.22 5.94
N GLY B 73 -16.79 -10.57 4.79
CA GLY B 73 -17.51 -9.32 4.73
C GLY B 73 -17.91 -8.79 3.39
N THR B 74 -18.58 -7.65 3.44
CA THR B 74 -18.70 -6.78 2.28
C THR B 74 -18.22 -5.37 2.64
N VAL B 75 -18.08 -4.53 1.62
CA VAL B 75 -17.86 -3.10 1.84
C VAL B 75 -18.99 -2.35 1.17
N LYS B 76 -19.55 -1.39 1.89
CA LYS B 76 -20.56 -0.51 1.34
C LYS B 76 -19.95 0.87 0.98
N TYR B 77 -20.06 1.23 -0.30
CA TYR B 77 -19.57 2.52 -0.82
C TYR B 77 -20.71 3.35 -1.47
N SER B 78 -21.00 4.47 -0.81
CA SER B 78 -22.03 5.37 -1.24
C SER B 78 -23.28 4.60 -1.59
N GLY B 79 -23.77 3.78 -0.65
CA GLY B 79 -25.05 3.11 -0.82
C GLY B 79 -25.13 1.74 -1.47
N SER B 80 -24.12 1.36 -2.25
CA SER B 80 -24.08 0.02 -2.85
C SER B 80 -23.04 -0.88 -2.18
N SER B 81 -23.28 -2.19 -2.20
CA SER B 81 -22.44 -3.17 -1.52
C SER B 81 -21.64 -3.99 -2.47
N TYR B 82 -20.43 -4.37 -2.03
CA TYR B 82 -19.51 -5.12 -2.89
C TYR B 82 -18.78 -6.10 -2.00
N PRO B 83 -18.18 -7.13 -2.60
CA PRO B 83 -17.36 -8.06 -1.81
C PRO B 83 -16.17 -7.35 -1.13
N PHE B 84 -15.83 -7.80 0.07
CA PHE B 84 -14.61 -7.37 0.73
C PHE B 84 -13.87 -8.59 1.24
N PRO B 85 -12.57 -8.76 0.90
CA PRO B 85 -11.71 -7.90 0.08
C PRO B 85 -12.29 -7.69 -1.30
N THR B 86 -11.95 -6.57 -1.95
CA THR B 86 -12.63 -6.17 -3.19
C THR B 86 -12.08 -6.88 -4.45
N THR B 87 -12.89 -6.91 -5.50
CA THR B 87 -12.50 -7.52 -6.78
C THR B 87 -12.48 -6.56 -7.96
N SER B 88 -12.87 -5.31 -7.71
CA SER B 88 -12.75 -4.27 -8.74
C SER B 88 -13.04 -2.90 -8.13
N GLU B 89 -12.64 -1.88 -8.87
CA GLU B 89 -12.89 -0.51 -8.49
C GLU B 89 -14.39 -0.14 -8.50
N THR B 90 -14.83 0.61 -7.49
CA THR B 90 -16.22 1.03 -7.43
C THR B 90 -16.54 2.15 -8.46
N PRO B 91 -17.81 2.49 -8.62
CA PRO B 91 -18.16 3.72 -9.33
C PRO B 91 -17.66 4.95 -8.60
N ARG B 92 -17.74 6.09 -9.29
CA ARG B 92 -17.19 7.32 -8.78
C ARG B 92 -18.21 8.04 -7.93
N VAL B 93 -17.74 8.72 -6.90
CA VAL B 93 -18.52 9.67 -6.12
C VAL B 93 -17.87 11.03 -6.42
N VAL B 94 -18.72 12.01 -6.66
CA VAL B 94 -18.30 13.37 -6.97
C VAL B 94 -18.09 14.20 -5.72
N TYR B 95 -16.99 14.93 -5.69
CA TYR B 95 -16.78 15.88 -4.62
C TYR B 95 -16.80 17.24 -5.30
N ASN B 96 -17.71 18.11 -4.86
CA ASN B 96 -17.92 19.40 -5.49
C ASN B 96 -18.13 20.51 -4.48
N SER B 97 -17.47 20.45 -3.33
CA SER B 97 -17.60 21.49 -2.31
C SER B 97 -16.30 21.62 -1.53
N ARG B 98 -16.02 22.82 -1.02
CA ARG B 98 -14.83 23.05 -0.18
C ARG B 98 -15.03 22.63 1.26
N THR B 99 -16.27 22.31 1.59
CA THR B 99 -16.60 21.80 2.91
C THR B 99 -16.23 20.31 3.03
N ASP B 100 -15.50 19.94 4.09
CA ASP B 100 -15.20 18.54 4.37
C ASP B 100 -16.45 17.71 4.31
N LYS B 101 -16.41 16.64 3.53
CA LYS B 101 -17.52 15.69 3.41
C LYS B 101 -17.01 14.25 3.63
N PRO B 102 -17.81 13.37 4.26
CA PRO B 102 -17.35 11.99 4.51
C PRO B 102 -17.00 11.25 3.25
N TRP B 103 -16.00 10.37 3.35
CA TRP B 103 -15.78 9.34 2.33
C TRP B 103 -16.70 8.21 2.74
N PRO B 104 -17.69 7.89 1.90
CA PRO B 104 -18.79 7.03 2.37
C PRO B 104 -18.48 5.53 2.29
N VAL B 105 -17.50 5.10 3.09
CA VAL B 105 -17.04 3.71 3.09
C VAL B 105 -17.29 3.11 4.45
N ALA B 106 -17.82 1.89 4.47
CA ALA B 106 -18.05 1.14 5.71
C ALA B 106 -17.85 -0.36 5.45
N LEU B 107 -17.15 -1.05 6.33
CA LEU B 107 -16.97 -2.49 6.19
C LEU B 107 -18.01 -3.22 7.06
N TYR B 108 -18.63 -4.28 6.53
CA TYR B 108 -19.55 -5.09 7.35
C TYR B 108 -18.99 -6.47 7.46
N LEU B 109 -18.45 -6.75 8.64
CA LEU B 109 -17.67 -7.98 8.85
C LEU B 109 -18.30 -8.92 9.86
N THR B 110 -18.32 -10.20 9.54
CA THR B 110 -18.92 -11.19 10.41
C THR B 110 -17.91 -12.34 10.62
N PRO B 111 -17.80 -12.85 11.85
CA PRO B 111 -16.85 -13.93 12.21
C PRO B 111 -17.11 -15.17 11.37
N VAL B 112 -16.03 -15.81 10.93
CA VAL B 112 -16.22 -17.09 10.30
C VAL B 112 -16.67 -18.01 11.43
N SER B 113 -17.32 -19.11 11.06
CA SER B 113 -18.05 -19.91 12.06
C SER B 113 -17.18 -20.62 13.11
N SER B 114 -15.92 -20.87 12.77
CA SER B 114 -14.95 -21.51 13.68
C SER B 114 -14.14 -20.55 14.56
N ALA B 115 -14.29 -19.25 14.35
CA ALA B 115 -13.60 -18.24 15.13
C ALA B 115 -14.05 -18.20 16.60
N GLY B 116 -13.11 -18.04 17.52
CA GLY B 116 -13.43 -17.90 18.93
C GLY B 116 -12.24 -17.28 19.66
N GLY B 117 -12.52 -16.61 20.75
CA GLY B 117 -11.49 -15.90 21.47
C GLY B 117 -11.04 -14.64 20.78
N VAL B 118 -9.76 -14.30 20.91
CA VAL B 118 -9.28 -13.05 20.35
C VAL B 118 -9.12 -13.15 18.83
N ALA B 119 -10.05 -12.50 18.15
CA ALA B 119 -10.12 -12.55 16.69
C ALA B 119 -9.39 -11.38 15.98
N ILE B 120 -9.29 -10.23 16.65
CA ILE B 120 -8.52 -9.08 16.17
C ILE B 120 -7.71 -8.59 17.34
N LYS B 121 -6.40 -8.41 17.14
CA LYS B 121 -5.50 -7.98 18.20
C LYS B 121 -5.43 -6.48 18.25
N ALA B 122 -5.40 -5.92 19.46
CA ALA B 122 -5.28 -4.47 19.62
C ALA B 122 -4.04 -3.94 18.90
N GLY B 123 -4.15 -2.82 18.20
CA GLY B 123 -2.99 -2.24 17.53
C GLY B 123 -2.66 -2.80 16.15
N SER B 124 -3.30 -3.89 15.77
CA SER B 124 -2.98 -4.55 14.51
C SER B 124 -3.66 -3.87 13.32
N LEU B 125 -3.02 -4.01 12.18
CA LEU B 125 -3.56 -3.60 10.89
C LEU B 125 -4.72 -4.51 10.47
N ILE B 126 -5.87 -3.94 10.12
CA ILE B 126 -7.00 -4.75 9.68
C ILE B 126 -7.40 -4.59 8.22
N ALA B 127 -7.06 -3.46 7.63
CA ALA B 127 -7.43 -3.23 6.26
C ALA B 127 -6.57 -2.15 5.66
N VAL B 128 -6.50 -2.16 4.33
CA VAL B 128 -5.95 -1.04 3.55
C VAL B 128 -7.01 -0.68 2.52
N LEU B 129 -7.33 0.60 2.50
CA LEU B 129 -8.33 1.14 1.58
C LEU B 129 -7.68 2.20 0.74
N ILE B 130 -7.79 2.06 -0.57
CA ILE B 130 -7.18 2.99 -1.49
C ILE B 130 -8.22 3.87 -2.13
N LEU B 131 -8.12 5.14 -1.82
CA LEU B 131 -8.99 6.15 -2.41
C LEU B 131 -8.29 6.69 -3.64
N ARG B 132 -8.98 6.65 -4.78
CA ARG B 132 -8.41 7.16 -6.04
C ARG B 132 -9.14 8.42 -6.50
N GLN B 133 -8.39 9.48 -6.80
CA GLN B 133 -9.00 10.75 -7.12
C GLN B 133 -8.56 11.23 -8.49
N THR B 134 -9.51 11.55 -9.33
CA THR B 134 -9.23 12.20 -10.62
C THR B 134 -10.16 13.39 -10.77
N ASN B 135 -10.12 14.04 -11.96
CA ASN B 135 -10.96 15.21 -12.16
C ASN B 135 -11.35 15.43 -13.63
N ASN B 136 -12.10 16.49 -13.89
CA ASN B 136 -12.49 16.89 -15.24
C ASN B 136 -11.70 18.13 -15.68
N TYR B 137 -10.43 18.19 -15.31
CA TYR B 137 -9.65 19.42 -15.48
C TYR B 137 -8.24 19.18 -16.05
N ASN B 138 -7.54 18.16 -15.57
CA ASN B 138 -6.20 17.86 -16.03
C ASN B 138 -5.94 16.37 -15.94
N SER B 139 -4.67 15.96 -15.99
CA SER B 139 -4.33 14.54 -15.94
C SER B 139 -4.15 13.98 -14.51
N ASP B 140 -4.42 14.77 -13.48
CA ASP B 140 -4.22 14.30 -12.09
C ASP B 140 -4.91 12.96 -11.86
N ASP B 141 -4.16 12.01 -11.31
CA ASP B 141 -4.69 10.70 -10.95
C ASP B 141 -3.96 10.29 -9.69
N PHE B 142 -4.55 10.50 -8.50
CA PHE B 142 -3.81 10.38 -7.23
C PHE B 142 -4.41 9.34 -6.31
N GLN B 143 -3.55 8.67 -5.55
CA GLN B 143 -3.96 7.67 -4.58
C GLN B 143 -3.76 8.21 -3.19
N PHE B 144 -4.79 8.00 -2.39
CA PHE B 144 -4.80 8.31 -0.98
C PHE B 144 -4.98 6.98 -0.29
N VAL B 145 -3.93 6.54 0.38
CA VAL B 145 -3.87 5.17 0.88
C VAL B 145 -4.08 5.16 2.38
N TRP B 146 -5.17 4.54 2.83
CA TRP B 146 -5.52 4.53 4.23
C TRP B 146 -5.23 3.18 4.84
N ASN B 147 -4.32 3.18 5.81
CA ASN B 147 -3.95 1.97 6.56
C ASN B 147 -4.85 2.01 7.81
N ILE B 148 -5.69 1.00 7.99
CA ILE B 148 -6.70 1.02 9.04
C ILE B 148 -6.27 0.10 10.18
N TYR B 149 -6.15 0.64 11.39
CA TYR B 149 -5.71 -0.13 12.55
C TYR B 149 -6.80 -0.22 13.63
N ALA B 150 -6.91 -1.39 14.28
CA ALA B 150 -7.76 -1.59 15.46
C ALA B 150 -7.12 -1.01 16.71
N ASN B 151 -7.89 -0.22 17.45
CA ASN B 151 -7.44 0.30 18.74
C ASN B 151 -7.51 -0.75 19.85
N ASN B 152 -8.38 -1.74 19.73
CA ASN B 152 -8.61 -2.66 20.83
C ASN B 152 -8.84 -4.07 20.30
N ASP B 153 -8.65 -5.05 21.17
CA ASP B 153 -8.99 -6.44 20.91
C ASP B 153 -10.45 -6.54 20.60
N VAL B 154 -10.78 -7.46 19.70
CA VAL B 154 -12.15 -7.86 19.45
C VAL B 154 -12.22 -9.35 19.70
N VAL B 155 -13.13 -9.75 20.58
CA VAL B 155 -13.31 -11.13 20.97
C VAL B 155 -14.57 -11.75 20.39
N VAL B 156 -14.46 -12.96 19.86
CA VAL B 156 -15.64 -13.65 19.43
C VAL B 156 -15.97 -14.65 20.55
N PRO B 157 -17.00 -14.35 21.34
CA PRO B 157 -17.29 -15.18 22.52
C PRO B 157 -17.66 -16.59 22.12
N THR B 158 -17.40 -17.53 23.00
CA THR B 158 -17.74 -18.90 22.74
C THR B 158 -18.82 -19.40 23.71
#